data_3T1N
#
_entry.id   3T1N
#
_cell.length_a   38.201
_cell.length_b   46.506
_cell.length_c   55.322
_cell.angle_alpha   86.06
_cell.angle_beta   70.69
_cell.angle_gamma   89.67
#
_symmetry.space_group_name_H-M   'P 1'
#
loop_
_entity.id
_entity.type
_entity.pdbx_description
1 polymer Microcephalin
2 polymer 'Cdc27 peptide'
3 water water
#
loop_
_entity_poly.entity_id
_entity_poly.type
_entity_poly.pdbx_seq_one_letter_code
_entity_poly.pdbx_strand_id
1 'polypeptide(L)'
;GHMSGRGKKPTRTLVMTSMPSEKQNVVIQVVDKLKGFSIAPDVCETTTHVLSGKPLRTLNVLLGIARGCWVLSYDWVLWS
LELGHWISEEPFELSHHFPAAPLCRSECHLSAGPYRGTLFADQPVMFVSPASSPPVAKLCELVHLCGGRVSQVPRQASIV
IGPYSGKKKATVKYLSEKWVLDSITQHKVCAPENYLLSQ
;
A,B
2 'polypeptide(L)' (SEP)DEF C,D
#
# COMPACT_ATOMS: atom_id res chain seq x y z
CA LYS A 8 9.65 -14.12 12.86
C LYS A 8 9.31 -14.29 11.39
N LYS A 9 8.04 -14.59 11.12
CA LYS A 9 7.57 -14.77 9.76
C LYS A 9 7.24 -13.44 9.10
N PRO A 10 7.83 -13.17 7.92
CA PRO A 10 7.40 -11.99 7.16
C PRO A 10 5.87 -11.97 7.02
N THR A 11 5.28 -10.78 7.12
CA THR A 11 3.83 -10.68 7.18
C THR A 11 3.18 -10.73 5.80
N ARG A 12 3.63 -9.88 4.88
CA ARG A 12 3.07 -9.86 3.53
C ARG A 12 3.23 -11.24 2.90
N THR A 13 2.33 -11.57 1.97
CA THR A 13 2.32 -12.91 1.40
C THR A 13 2.39 -12.91 -0.12
N LEU A 14 3.06 -13.93 -0.65
CA LEU A 14 3.24 -14.10 -2.08
C LEU A 14 2.47 -15.34 -2.55
N VAL A 15 1.52 -15.14 -3.45
CA VAL A 15 0.65 -16.23 -3.90
C VAL A 15 0.98 -16.66 -5.34
N MET A 16 0.78 -17.94 -5.63
CA MET A 16 1.07 -18.47 -6.95
C MET A 16 -0.20 -19.04 -7.61
N THR A 17 -0.43 -18.65 -8.86
CA THR A 17 -1.58 -19.14 -9.63
C THR A 17 -1.13 -19.58 -11.02
N SER A 18 -1.85 -20.52 -11.62
CA SER A 18 -1.48 -21.07 -12.92
C SER A 18 0.03 -21.36 -12.93
N MET A 19 0.48 -22.09 -11.93
CA MET A 19 1.92 -22.28 -11.70
C MET A 19 2.30 -23.75 -11.63
N PRO A 20 2.95 -24.27 -12.69
CA PRO A 20 3.42 -25.66 -12.70
C PRO A 20 4.34 -25.96 -11.52
N SER A 21 4.35 -27.21 -11.07
CA SER A 21 5.09 -27.58 -9.86
C SER A 21 6.59 -27.35 -9.99
N GLU A 22 7.16 -27.65 -11.15
CA GLU A 22 8.58 -27.43 -11.36
C GLU A 22 8.92 -25.95 -11.17
N LYS A 23 7.98 -25.09 -11.54
CA LYS A 23 8.15 -23.65 -11.34
C LYS A 23 7.85 -23.26 -9.91
N GLN A 24 6.93 -23.98 -9.27
CA GLN A 24 6.54 -23.68 -7.89
C GLN A 24 7.73 -23.78 -6.94
N ASN A 25 8.47 -24.88 -7.05
CA ASN A 25 9.63 -25.11 -6.18
C ASN A 25 10.66 -24.00 -6.32
N VAL A 26 10.87 -23.54 -7.56
CA VAL A 26 11.81 -22.46 -7.81
C VAL A 26 11.42 -21.22 -7.01
N VAL A 27 10.14 -20.90 -7.01
CA VAL A 27 9.64 -19.72 -6.31
C VAL A 27 9.87 -19.85 -4.81
N ILE A 28 9.39 -20.96 -4.24
CA ILE A 28 9.56 -21.24 -2.82
C ILE A 28 11.02 -21.07 -2.40
N GLN A 29 11.91 -21.42 -3.30
CA GLN A 29 13.33 -21.47 -3.01
C GLN A 29 14.00 -20.10 -3.16
N VAL A 30 13.46 -19.26 -4.02
CA VAL A 30 13.92 -17.89 -4.15
C VAL A 30 13.40 -17.09 -2.97
N VAL A 31 12.25 -17.51 -2.44
CA VAL A 31 11.70 -16.89 -1.24
C VAL A 31 12.51 -17.30 -0.01
N ASP A 32 13.06 -18.50 -0.06
CA ASP A 32 13.85 -19.03 1.05
C ASP A 32 15.20 -18.34 1.12
N LYS A 33 15.84 -18.17 -0.03
CA LYS A 33 17.17 -17.58 -0.09
C LYS A 33 17.12 -16.06 0.08
N LEU A 34 16.14 -15.41 -0.54
CA LEU A 34 16.05 -13.96 -0.50
C LEU A 34 15.21 -13.45 0.67
N LYS A 35 14.41 -14.34 1.25
CA LYS A 35 13.55 -13.97 2.38
C LYS A 35 12.66 -12.80 2.02
N GLY A 36 11.83 -12.36 2.96
CA GLY A 36 11.02 -11.16 2.79
C GLY A 36 9.57 -11.42 2.47
N PHE A 37 9.17 -12.68 2.39
CA PHE A 37 7.79 -13.04 2.10
C PHE A 37 7.34 -14.27 2.87
N SER A 38 6.02 -14.45 2.93
CA SER A 38 5.42 -15.71 3.34
C SER A 38 4.52 -16.16 2.20
N ILE A 39 4.43 -17.46 1.97
CA ILE A 39 3.64 -17.96 0.84
C ILE A 39 2.28 -18.45 1.28
N ALA A 40 1.24 -17.76 0.85
CA ALA A 40 -0.13 -18.16 1.11
C ALA A 40 -0.66 -18.95 -0.08
N PRO A 41 -1.50 -19.97 0.19
CA PRO A 41 -2.08 -20.75 -0.91
C PRO A 41 -3.15 -19.96 -1.67
N ASP A 42 -3.68 -18.92 -1.04
CA ASP A 42 -4.72 -18.10 -1.66
C ASP A 42 -4.59 -16.63 -1.28
N VAL A 43 -4.91 -15.76 -2.24
CA VAL A 43 -4.90 -14.32 -2.02
C VAL A 43 -5.75 -13.94 -0.82
N CYS A 44 -5.13 -13.31 0.17
CA CYS A 44 -5.85 -12.86 1.37
C CYS A 44 -5.44 -11.44 1.77
N GLU A 45 -5.69 -11.09 3.02
CA GLU A 45 -5.45 -9.73 3.49
C GLU A 45 -3.98 -9.32 3.39
N THR A 46 -3.08 -10.27 3.58
CA THR A 46 -1.65 -9.97 3.60
C THR A 46 -1.02 -9.97 2.21
N THR A 47 -1.63 -10.67 1.26
CA THR A 47 -1.07 -10.79 -0.07
C THR A 47 -0.76 -9.43 -0.68
N THR A 48 0.48 -9.26 -1.13
CA THR A 48 0.89 -8.03 -1.82
C THR A 48 1.30 -8.34 -3.25
N HIS A 49 1.83 -9.54 -3.47
CA HIS A 49 2.27 -9.94 -4.79
C HIS A 49 1.59 -11.23 -5.24
N VAL A 50 1.16 -11.26 -6.50
CA VAL A 50 0.61 -12.48 -7.10
C VAL A 50 1.43 -12.85 -8.33
N LEU A 51 1.83 -14.12 -8.42
CA LEU A 51 2.64 -14.58 -9.53
C LEU A 51 1.91 -15.62 -10.36
N SER A 52 1.78 -15.33 -11.66
N SER A 52 1.78 -15.33 -11.66
CA SER A 52 1.14 -16.27 -12.57
CA SER A 52 1.14 -16.26 -12.59
C SER A 52 2.18 -16.99 -13.42
C SER A 52 2.19 -16.98 -13.43
N GLY A 53 1.95 -18.27 -13.66
CA GLY A 53 2.82 -19.06 -14.52
C GLY A 53 2.31 -18.93 -15.95
N LYS A 54 1.00 -18.86 -16.08
CA LYS A 54 0.36 -18.69 -17.38
C LYS A 54 -0.82 -17.73 -17.23
N PRO A 55 -0.66 -16.48 -17.71
CA PRO A 55 -1.69 -15.45 -17.55
C PRO A 55 -3.11 -15.95 -17.84
N LEU A 56 -3.78 -16.45 -16.81
CA LEU A 56 -5.17 -16.89 -16.92
C LEU A 56 -6.00 -16.23 -15.83
N ARG A 57 -7.29 -16.06 -16.09
CA ARG A 57 -8.17 -15.39 -15.13
C ARG A 57 -8.67 -16.38 -14.09
N THR A 58 -7.85 -16.63 -13.07
CA THR A 58 -8.20 -17.54 -11.98
C THR A 58 -8.78 -16.75 -10.82
N LEU A 59 -9.31 -17.46 -9.83
CA LEU A 59 -9.85 -16.83 -8.63
C LEU A 59 -8.81 -15.91 -8.00
N ASN A 60 -7.55 -16.35 -8.05
CA ASN A 60 -6.47 -15.63 -7.37
C ASN A 60 -6.00 -14.39 -8.13
N VAL A 61 -6.27 -14.35 -9.43
CA VAL A 61 -5.93 -13.16 -10.21
C VAL A 61 -7.05 -12.12 -10.12
N LEU A 62 -8.29 -12.58 -10.07
CA LEU A 62 -9.42 -11.69 -9.85
C LEU A 62 -9.27 -10.98 -8.49
N LEU A 63 -9.03 -11.77 -7.45
CA LEU A 63 -8.92 -11.23 -6.10
C LEU A 63 -7.74 -10.27 -5.98
N GLY A 64 -6.63 -10.60 -6.65
CA GLY A 64 -5.46 -9.75 -6.62
C GLY A 64 -5.75 -8.39 -7.21
N ILE A 65 -6.54 -8.38 -8.28
CA ILE A 65 -6.95 -7.15 -8.93
C ILE A 65 -7.83 -6.32 -8.01
N ALA A 66 -8.60 -7.00 -7.16
CA ALA A 66 -9.50 -6.33 -6.22
C ALA A 66 -8.72 -5.66 -5.09
N ARG A 67 -7.57 -6.23 -4.75
CA ARG A 67 -6.77 -5.71 -3.64
C ARG A 67 -5.66 -4.78 -4.12
N GLY A 68 -5.51 -4.66 -5.43
CA GLY A 68 -4.50 -3.78 -6.00
C GLY A 68 -3.10 -4.35 -5.91
N CYS A 69 -3.00 -5.65 -5.68
CA CYS A 69 -1.71 -6.33 -5.57
C CYS A 69 -0.93 -6.23 -6.87
N TRP A 70 0.40 -6.37 -6.75
CA TRP A 70 1.23 -6.58 -7.93
C TRP A 70 0.85 -7.91 -8.56
N VAL A 71 0.67 -7.92 -9.88
CA VAL A 71 0.37 -9.16 -10.59
C VAL A 71 1.40 -9.33 -11.71
N LEU A 72 2.37 -10.21 -11.47
CA LEU A 72 3.56 -10.25 -12.32
C LEU A 72 3.76 -11.60 -12.99
N SER A 73 4.61 -11.60 -14.02
CA SER A 73 4.99 -12.83 -14.70
C SER A 73 6.10 -13.54 -13.92
N TYR A 74 6.20 -14.85 -14.13
CA TYR A 74 7.23 -15.65 -13.47
C TYR A 74 8.62 -15.09 -13.72
N ASP A 75 8.72 -14.23 -14.74
CA ASP A 75 9.98 -13.60 -15.10
C ASP A 75 10.60 -12.84 -13.94
N TRP A 76 9.77 -12.09 -13.22
CA TRP A 76 10.23 -11.23 -12.14
C TRP A 76 10.97 -12.02 -11.05
N VAL A 77 10.70 -13.32 -10.98
CA VAL A 77 11.41 -14.19 -10.03
C VAL A 77 12.76 -14.60 -10.60
N LEU A 78 12.77 -15.02 -11.86
CA LEU A 78 14.01 -15.42 -12.52
C LEU A 78 15.06 -14.32 -12.39
N TRP A 79 14.69 -13.10 -12.73
CA TRP A 79 15.61 -11.98 -12.68
C TRP A 79 15.92 -11.55 -11.24
N SER A 80 14.94 -11.69 -10.35
CA SER A 80 15.15 -11.39 -8.94
C SER A 80 16.19 -12.35 -8.35
N LEU A 81 16.25 -13.55 -8.92
CA LEU A 81 17.22 -14.55 -8.50
C LEU A 81 18.60 -14.25 -9.11
N GLU A 82 18.61 -14.06 -10.43
CA GLU A 82 19.85 -13.78 -11.14
C GLU A 82 20.58 -12.57 -10.56
N LEU A 83 19.82 -11.64 -10.00
CA LEU A 83 20.39 -10.43 -9.41
C LEU A 83 20.65 -10.56 -7.92
N GLY A 84 19.83 -11.36 -7.25
CA GLY A 84 19.98 -11.59 -5.82
C GLY A 84 19.29 -10.55 -4.98
N HIS A 85 18.08 -10.18 -5.39
CA HIS A 85 17.25 -9.24 -4.64
C HIS A 85 15.96 -8.97 -5.41
N TRP A 86 14.90 -8.60 -4.70
CA TRP A 86 13.62 -8.33 -5.33
C TRP A 86 13.70 -7.04 -6.13
N ILE A 87 13.74 -7.17 -7.46
CA ILE A 87 13.86 -6.03 -8.36
C ILE A 87 12.52 -5.29 -8.48
N SER A 88 12.46 -4.34 -9.40
CA SER A 88 11.25 -3.55 -9.63
C SER A 88 10.17 -4.42 -10.28
N GLU A 89 8.94 -4.29 -9.78
CA GLU A 89 7.83 -5.12 -10.25
C GLU A 89 7.25 -4.63 -11.57
N GLU A 90 7.33 -3.33 -11.81
CA GLU A 90 6.58 -2.70 -12.90
C GLU A 90 6.84 -3.31 -14.27
N PRO A 91 8.12 -3.62 -14.59
CA PRO A 91 8.44 -4.15 -15.92
C PRO A 91 7.75 -5.47 -16.24
N PHE A 92 7.21 -6.17 -15.25
CA PHE A 92 6.70 -7.52 -15.47
C PHE A 92 5.22 -7.70 -15.15
N GLU A 93 4.54 -6.67 -14.66
CA GLU A 93 3.12 -6.80 -14.37
C GLU A 93 2.33 -6.92 -15.67
N LEU A 94 1.32 -7.78 -15.65
CA LEU A 94 0.63 -8.18 -16.88
C LEU A 94 -0.42 -7.17 -17.33
N SER A 95 0.06 -6.04 -17.85
CA SER A 95 -0.82 -4.97 -18.31
C SER A 95 -1.71 -5.42 -19.47
N HIS A 96 -1.11 -6.10 -20.43
CA HIS A 96 -1.79 -6.44 -21.68
C HIS A 96 -2.96 -7.40 -21.47
N HIS A 97 -2.81 -8.34 -20.54
CA HIS A 97 -3.82 -9.35 -20.31
C HIS A 97 -4.91 -8.88 -19.36
N PHE A 98 -4.53 -8.13 -18.33
CA PHE A 98 -5.47 -7.60 -17.36
C PHE A 98 -5.25 -6.09 -17.20
N PRO A 99 -5.89 -5.29 -18.05
CA PRO A 99 -5.74 -3.83 -18.05
C PRO A 99 -6.20 -3.15 -16.76
N ALA A 100 -6.84 -3.89 -15.86
CA ALA A 100 -7.32 -3.32 -14.60
C ALA A 100 -6.25 -3.40 -13.51
N ALA A 101 -5.42 -4.44 -13.57
CA ALA A 101 -4.40 -4.66 -12.56
C ALA A 101 -3.54 -3.42 -12.32
N PRO A 102 -2.93 -2.87 -13.38
CA PRO A 102 -2.08 -1.69 -13.22
C PRO A 102 -2.83 -0.49 -12.63
N LEU A 103 -4.13 -0.43 -12.84
CA LEU A 103 -4.94 0.68 -12.33
C LEU A 103 -5.16 0.55 -10.82
N CYS A 104 -5.59 -0.62 -10.38
CA CYS A 104 -5.85 -0.86 -8.96
C CYS A 104 -4.54 -0.91 -8.17
N ARG A 105 -3.46 -1.27 -8.85
CA ARG A 105 -2.15 -1.32 -8.22
C ARG A 105 -1.70 0.09 -7.85
N SER A 106 -1.73 0.98 -8.83
CA SER A 106 -1.37 2.38 -8.62
C SER A 106 -2.35 3.03 -7.66
N GLU A 107 -3.63 2.70 -7.81
CA GLU A 107 -4.68 3.29 -6.98
C GLU A 107 -4.53 2.89 -5.51
N CYS A 108 -4.06 1.68 -5.28
CA CYS A 108 -3.88 1.17 -3.92
C CYS A 108 -2.66 1.79 -3.24
N HIS A 109 -1.66 2.15 -4.04
CA HIS A 109 -0.41 2.65 -3.48
C HIS A 109 -0.41 4.17 -3.31
N LEU A 110 -1.42 4.84 -3.86
CA LEU A 110 -1.59 6.27 -3.64
C LEU A 110 -2.82 6.54 -2.79
N SER A 111 -3.39 5.47 -2.22
CA SER A 111 -4.59 5.57 -1.42
C SER A 111 -4.38 6.45 -0.19
N ALA A 112 -5.40 7.23 0.16
CA ALA A 112 -5.34 8.10 1.34
C ALA A 112 -5.21 7.25 2.60
N GLY A 113 -6.28 6.56 2.95
CA GLY A 113 -6.24 5.60 4.04
C GLY A 113 -5.97 4.21 3.49
N PRO A 114 -6.39 3.17 4.22
CA PRO A 114 -6.30 1.82 3.64
C PRO A 114 -7.07 1.76 2.33
N TYR A 115 -6.78 0.76 1.50
CA TYR A 115 -7.33 0.71 0.14
C TYR A 115 -8.54 -0.19 0.01
N ARG A 116 -9.65 0.40 -0.44
CA ARG A 116 -10.80 -0.36 -0.90
C ARG A 116 -11.28 0.20 -2.25
N GLY A 117 -11.45 -0.67 -3.24
CA GLY A 117 -11.89 -0.26 -4.56
C GLY A 117 -13.15 0.58 -4.50
N THR A 118 -13.34 1.43 -5.51
CA THR A 118 -14.52 2.30 -5.57
C THR A 118 -15.42 1.93 -6.75
N LEU A 119 -15.05 0.88 -7.47
CA LEU A 119 -15.69 0.52 -8.71
C LEU A 119 -17.21 0.42 -8.61
N PHE A 120 -17.71 -0.54 -7.83
CA PHE A 120 -19.15 -0.79 -7.74
C PHE A 120 -19.83 0.06 -6.67
N ALA A 121 -19.23 1.20 -6.33
CA ALA A 121 -19.73 2.02 -5.23
C ALA A 121 -21.01 2.76 -5.59
N ASP A 122 -21.18 3.12 -6.87
CA ASP A 122 -22.39 3.78 -7.33
C ASP A 122 -23.34 2.78 -7.99
N GLN A 123 -23.40 1.58 -7.41
CA GLN A 123 -24.28 0.54 -7.93
C GLN A 123 -25.33 0.17 -6.88
N PRO A 124 -26.44 -0.43 -7.32
CA PRO A 124 -27.47 -0.89 -6.39
C PRO A 124 -26.94 -2.03 -5.51
N VAL A 125 -27.78 -2.51 -4.60
CA VAL A 125 -27.42 -3.67 -3.80
C VAL A 125 -27.66 -4.93 -4.62
N MET A 126 -26.69 -5.84 -4.60
CA MET A 126 -26.78 -7.06 -5.40
C MET A 126 -27.00 -8.28 -4.53
N PHE A 127 -27.75 -9.24 -5.04
CA PHE A 127 -27.85 -10.54 -4.39
C PHE A 127 -27.22 -11.62 -5.26
N VAL A 128 -26.24 -12.33 -4.69
CA VAL A 128 -25.54 -13.38 -5.40
C VAL A 128 -26.12 -14.75 -5.04
N SER A 129 -26.55 -15.49 -6.05
CA SER A 129 -27.10 -16.82 -5.84
C SER A 129 -26.01 -17.79 -5.43
N PRO A 130 -26.34 -18.73 -4.53
CA PRO A 130 -25.36 -19.68 -4.00
C PRO A 130 -24.90 -20.70 -5.05
N ALA A 131 -25.73 -20.98 -6.03
CA ALA A 131 -25.43 -21.97 -7.06
C ALA A 131 -24.64 -21.36 -8.21
N SER A 132 -24.01 -20.22 -7.97
CA SER A 132 -23.25 -19.53 -9.01
C SER A 132 -21.84 -20.08 -9.10
N SER A 133 -21.25 -19.97 -10.28
CA SER A 133 -19.85 -20.31 -10.51
C SER A 133 -19.14 -19.10 -11.09
N PRO A 134 -18.05 -18.65 -10.46
CA PRO A 134 -17.34 -19.22 -9.30
C PRO A 134 -18.19 -19.31 -8.04
N PRO A 135 -17.66 -19.96 -6.99
CA PRO A 135 -18.35 -20.09 -5.71
C PRO A 135 -18.85 -18.74 -5.20
N VAL A 136 -19.94 -18.76 -4.42
CA VAL A 136 -20.60 -17.53 -4.00
C VAL A 136 -19.76 -16.75 -2.99
N ALA A 137 -19.04 -17.45 -2.12
CA ALA A 137 -18.27 -16.80 -1.07
C ALA A 137 -17.21 -15.87 -1.66
N LYS A 138 -16.49 -16.35 -2.67
CA LYS A 138 -15.39 -15.60 -3.26
C LYS A 138 -15.92 -14.50 -4.19
N LEU A 139 -17.09 -14.75 -4.77
CA LEU A 139 -17.68 -13.81 -5.73
C LEU A 139 -18.40 -12.67 -5.01
N CYS A 140 -18.87 -12.94 -3.80
CA CYS A 140 -19.41 -11.88 -2.95
C CYS A 140 -18.26 -11.03 -2.43
N GLU A 141 -17.18 -11.71 -2.05
CA GLU A 141 -15.98 -11.03 -1.59
C GLU A 141 -15.51 -10.05 -2.66
N LEU A 142 -15.40 -10.53 -3.89
CA LEU A 142 -14.99 -9.70 -5.02
C LEU A 142 -15.81 -8.42 -5.08
N VAL A 143 -17.13 -8.55 -5.00
CA VAL A 143 -18.04 -7.42 -5.12
C VAL A 143 -17.85 -6.44 -3.98
N HIS A 144 -17.58 -6.95 -2.78
CA HIS A 144 -17.36 -6.11 -1.62
C HIS A 144 -16.03 -5.37 -1.72
N LEU A 145 -14.96 -6.11 -2.03
CA LEU A 145 -13.64 -5.51 -2.16
C LEU A 145 -13.62 -4.39 -3.20
N CYS A 146 -14.53 -4.45 -4.15
CA CYS A 146 -14.53 -3.50 -5.27
C CYS A 146 -15.43 -2.29 -5.03
N GLY A 147 -16.25 -2.34 -3.99
CA GLY A 147 -17.08 -1.21 -3.63
C GLY A 147 -18.55 -1.55 -3.48
N GLY A 148 -18.99 -2.59 -4.19
CA GLY A 148 -20.40 -2.98 -4.17
C GLY A 148 -20.87 -3.42 -2.80
N ARG A 149 -22.19 -3.42 -2.62
CA ARG A 149 -22.81 -3.91 -1.40
C ARG A 149 -23.69 -5.11 -1.70
N VAL A 150 -23.52 -6.17 -0.93
CA VAL A 150 -24.26 -7.41 -1.16
C VAL A 150 -25.35 -7.62 -0.12
N SER A 151 -26.40 -8.34 -0.51
CA SER A 151 -27.51 -8.63 0.39
C SER A 151 -27.63 -10.13 0.62
N GLN A 152 -28.12 -10.51 1.80
CA GLN A 152 -28.29 -11.91 2.14
C GLN A 152 -29.60 -12.46 1.61
N VAL A 153 -30.50 -11.56 1.22
CA VAL A 153 -31.80 -11.95 0.67
C VAL A 153 -32.20 -11.05 -0.49
N PRO A 154 -32.65 -11.66 -1.61
CA PRO A 154 -32.99 -10.99 -2.87
C PRO A 154 -33.95 -9.79 -2.75
N ARG A 155 -34.85 -9.78 -1.78
CA ARG A 155 -35.86 -8.72 -1.68
CA ARG A 155 -35.86 -8.73 -1.70
C ARG A 155 -35.22 -7.35 -1.50
N GLN A 156 -34.02 -7.32 -0.94
CA GLN A 156 -33.32 -6.06 -0.72
C GLN A 156 -32.52 -5.65 -1.95
N ALA A 157 -32.24 -6.61 -2.82
CA ALA A 157 -31.36 -6.36 -3.96
C ALA A 157 -32.11 -5.87 -5.19
N SER A 158 -31.48 -4.97 -5.94
CA SER A 158 -32.03 -4.50 -7.21
C SER A 158 -31.35 -5.22 -8.36
N ILE A 159 -30.31 -5.98 -8.04
CA ILE A 159 -29.58 -6.77 -9.03
C ILE A 159 -29.32 -8.18 -8.51
N VAL A 160 -29.60 -9.17 -9.35
CA VAL A 160 -29.31 -10.56 -9.01
C VAL A 160 -28.22 -11.12 -9.91
N ILE A 161 -27.40 -12.00 -9.36
CA ILE A 161 -26.26 -12.55 -10.08
C ILE A 161 -26.21 -14.06 -10.01
N GLY A 162 -26.15 -14.70 -11.17
CA GLY A 162 -26.00 -16.14 -11.26
C GLY A 162 -27.31 -16.88 -11.47
N PRO A 163 -27.24 -18.21 -11.53
CA PRO A 163 -28.41 -19.10 -11.70
C PRO A 163 -29.52 -18.77 -10.71
N TYR A 164 -30.66 -18.32 -11.24
CA TYR A 164 -31.81 -17.98 -10.42
C TYR A 164 -33.07 -18.56 -11.04
N SER A 165 -33.73 -19.46 -10.31
CA SER A 165 -34.89 -20.17 -10.84
C SER A 165 -36.19 -19.43 -10.52
N GLY A 166 -36.23 -18.76 -9.37
CA GLY A 166 -37.43 -18.12 -8.89
C GLY A 166 -38.05 -17.11 -9.84
N LYS A 167 -39.30 -16.79 -9.59
CA LYS A 167 -40.03 -15.78 -10.37
C LYS A 167 -39.16 -14.55 -10.62
N LYS A 168 -38.96 -14.23 -11.90
CA LYS A 168 -38.19 -13.04 -12.25
C LYS A 168 -38.94 -11.79 -11.85
N LYS A 169 -38.21 -10.69 -11.68
CA LYS A 169 -38.74 -9.49 -11.07
C LYS A 169 -38.44 -8.25 -11.92
N ALA A 170 -39.49 -7.53 -12.28
CA ALA A 170 -39.38 -6.40 -13.21
C ALA A 170 -38.55 -5.26 -12.64
N THR A 171 -38.52 -5.14 -11.31
CA THR A 171 -37.74 -4.09 -10.66
C THR A 171 -36.29 -4.54 -10.45
N VAL A 172 -35.91 -5.62 -11.13
CA VAL A 172 -34.59 -6.21 -10.93
C VAL A 172 -33.96 -6.63 -12.26
N LYS A 173 -32.66 -6.44 -12.36
CA LYS A 173 -31.91 -6.92 -13.51
C LYS A 173 -31.17 -8.20 -13.15
N TYR A 174 -31.49 -9.28 -13.84
CA TYR A 174 -30.86 -10.57 -13.59
C TYR A 174 -29.73 -10.81 -14.57
N LEU A 175 -28.49 -10.83 -14.07
CA LEU A 175 -27.31 -10.86 -14.93
C LEU A 175 -26.42 -12.07 -14.66
N SER A 176 -25.37 -12.19 -15.46
CA SER A 176 -24.42 -13.30 -15.32
C SER A 176 -23.24 -12.89 -14.44
N GLU A 177 -22.46 -13.88 -13.99
CA GLU A 177 -21.30 -13.61 -13.17
C GLU A 177 -20.24 -12.82 -13.92
N LYS A 178 -20.08 -13.12 -15.21
CA LYS A 178 -19.04 -12.51 -16.02
C LYS A 178 -19.24 -11.01 -16.18
N TRP A 179 -20.41 -10.51 -15.79
CA TRP A 179 -20.66 -9.08 -15.75
C TRP A 179 -19.80 -8.48 -14.65
N VAL A 180 -19.78 -9.15 -13.49
CA VAL A 180 -18.96 -8.73 -12.37
C VAL A 180 -17.48 -8.90 -12.70
N LEU A 181 -17.12 -10.06 -13.25
CA LEU A 181 -15.73 -10.38 -13.53
C LEU A 181 -15.14 -9.49 -14.62
N ASP A 182 -15.92 -9.21 -15.66
CA ASP A 182 -15.43 -8.40 -16.77
C ASP A 182 -15.29 -6.94 -16.37
N SER A 183 -16.15 -6.49 -15.47
CA SER A 183 -16.08 -5.12 -14.97
C SER A 183 -14.82 -4.95 -14.12
N ILE A 184 -14.46 -6.01 -13.41
CA ILE A 184 -13.27 -6.01 -12.56
C ILE A 184 -12.01 -6.02 -13.40
N THR A 185 -12.03 -6.76 -14.51
CA THR A 185 -10.87 -6.91 -15.36
C THR A 185 -10.63 -5.68 -16.24
N GLN A 186 -11.71 -4.98 -16.58
CA GLN A 186 -11.61 -3.81 -17.44
C GLN A 186 -11.56 -2.51 -16.65
N HIS A 187 -11.73 -2.61 -15.33
CA HIS A 187 -11.82 -1.44 -14.48
C HIS A 187 -12.87 -0.51 -15.08
N LYS A 188 -14.02 -1.09 -15.42
CA LYS A 188 -15.09 -0.37 -16.08
CA LYS A 188 -15.09 -0.37 -16.08
C LYS A 188 -16.40 -1.11 -15.86
N VAL A 189 -17.40 -0.41 -15.32
CA VAL A 189 -18.70 -1.04 -15.11
C VAL A 189 -19.35 -1.28 -16.47
N CYS A 190 -19.22 -2.51 -16.96
CA CYS A 190 -19.68 -2.85 -18.30
C CYS A 190 -21.18 -2.63 -18.45
N ALA A 191 -21.64 -2.59 -19.71
CA ALA A 191 -23.05 -2.42 -19.99
C ALA A 191 -23.83 -3.63 -19.50
N PRO A 192 -24.85 -3.40 -18.65
CA PRO A 192 -25.63 -4.50 -18.09
C PRO A 192 -26.52 -5.20 -19.11
N GLU A 193 -26.85 -4.53 -20.21
CA GLU A 193 -27.79 -5.07 -21.18
C GLU A 193 -27.22 -6.20 -22.04
N ASN A 194 -25.90 -6.39 -21.99
CA ASN A 194 -25.28 -7.49 -22.73
C ASN A 194 -24.64 -8.53 -21.81
N TYR A 195 -25.09 -8.56 -20.55
CA TYR A 195 -24.69 -9.60 -19.62
C TYR A 195 -25.93 -10.15 -18.91
N LEU A 196 -27.01 -10.25 -19.67
CA LEU A 196 -28.29 -10.70 -19.11
C LEU A 196 -28.35 -12.22 -19.06
N LEU A 197 -28.73 -12.74 -17.90
CA LEU A 197 -28.84 -14.18 -17.70
C LEU A 197 -30.31 -14.59 -17.84
N SER A 198 -30.59 -15.48 -18.79
CA SER A 198 -31.95 -15.87 -19.10
C SER A 198 -32.15 -17.38 -18.97
N LYS B 9 11.55 21.48 -16.26
CA LYS B 9 11.62 21.86 -14.87
C LYS B 9 12.16 20.70 -14.04
N PRO B 10 13.01 21.01 -13.04
CA PRO B 10 13.53 19.95 -12.15
C PRO B 10 12.41 19.09 -11.57
N THR B 11 12.72 17.83 -11.29
CA THR B 11 11.70 16.87 -10.87
C THR B 11 11.83 16.51 -9.39
N ARG B 12 13.04 16.23 -8.94
CA ARG B 12 13.29 15.99 -7.52
C ARG B 12 12.84 17.21 -6.74
N THR B 13 12.31 16.99 -5.53
CA THR B 13 11.77 18.09 -4.74
C THR B 13 12.52 18.33 -3.43
N LEU B 14 12.62 19.59 -3.07
CA LEU B 14 13.19 20.01 -1.80
C LEU B 14 12.05 20.38 -0.86
N VAL B 15 12.12 19.89 0.38
CA VAL B 15 11.11 20.23 1.38
C VAL B 15 11.74 20.93 2.58
N MET B 16 11.01 21.88 3.15
CA MET B 16 11.50 22.61 4.31
C MET B 16 10.57 22.41 5.50
N THR B 17 11.10 22.56 6.71
CA THR B 17 10.33 22.36 7.93
C THR B 17 10.99 23.09 9.09
N SER B 18 10.18 23.57 10.03
CA SER B 18 10.69 24.36 11.15
C SER B 18 11.61 25.45 10.62
N MET B 19 11.17 26.12 9.56
CA MET B 19 11.99 27.10 8.87
C MET B 19 11.36 28.48 8.90
N PRO B 20 11.98 29.43 9.61
CA PRO B 20 11.56 30.84 9.56
C PRO B 20 11.28 31.30 8.14
N SER B 21 10.33 32.21 7.96
CA SER B 21 9.95 32.66 6.64
C SER B 21 11.14 33.32 5.95
N GLU B 22 11.93 34.05 6.73
CA GLU B 22 13.15 34.65 6.23
C GLU B 22 14.04 33.60 5.56
N LYS B 23 14.18 32.46 6.22
CA LYS B 23 15.05 31.40 5.73
C LYS B 23 14.42 30.61 4.59
N GLN B 24 13.09 30.69 4.48
CA GLN B 24 12.39 30.06 3.37
C GLN B 24 12.62 30.85 2.09
N ASN B 25 12.85 32.15 2.24
CA ASN B 25 13.12 33.00 1.09
C ASN B 25 14.46 32.68 0.45
N VAL B 26 15.46 32.41 1.28
CA VAL B 26 16.81 32.17 0.79
C VAL B 26 16.91 30.85 0.02
N VAL B 27 16.13 29.85 0.40
CA VAL B 27 16.18 28.55 -0.25
C VAL B 27 15.43 28.58 -1.59
N ILE B 28 14.47 29.49 -1.72
CA ILE B 28 13.82 29.71 -3.00
C ILE B 28 14.83 30.39 -3.92
N GLN B 29 15.58 31.31 -3.34
CA GLN B 29 16.62 32.05 -4.05
C GLN B 29 17.68 31.11 -4.60
N VAL B 30 18.28 30.33 -3.73
CA VAL B 30 19.35 29.42 -4.13
C VAL B 30 18.86 28.40 -5.15
N VAL B 31 17.71 27.78 -4.87
CA VAL B 31 17.15 26.76 -5.75
C VAL B 31 16.85 27.32 -7.13
N ASP B 32 16.67 28.63 -7.22
CA ASP B 32 16.34 29.27 -8.49
C ASP B 32 17.54 29.31 -9.44
N LYS B 33 18.71 29.66 -8.91
CA LYS B 33 19.92 29.69 -9.72
C LYS B 33 20.52 28.31 -9.90
N LEU B 34 20.83 27.66 -8.80
CA LEU B 34 21.48 26.35 -8.82
C LEU B 34 20.61 25.29 -9.50
N LYS B 35 19.30 25.53 -9.54
CA LYS B 35 18.38 24.61 -10.20
C LYS B 35 18.43 23.24 -9.54
N GLY B 36 17.94 22.23 -10.26
CA GLY B 36 18.02 20.86 -9.81
C GLY B 36 16.86 20.42 -8.94
N PHE B 37 16.11 21.37 -8.41
CA PHE B 37 15.02 21.06 -7.48
C PHE B 37 13.73 21.80 -7.79
N SER B 38 12.61 21.20 -7.36
CA SER B 38 11.34 21.90 -7.31
C SER B 38 10.80 21.80 -5.89
N ILE B 39 10.67 22.94 -5.21
CA ILE B 39 10.24 22.93 -3.81
C ILE B 39 8.81 22.43 -3.67
N ALA B 40 8.57 21.65 -2.62
CA ALA B 40 7.23 21.15 -2.32
C ALA B 40 6.86 21.54 -0.89
N PRO B 41 5.55 21.75 -0.65
CA PRO B 41 5.09 22.09 0.70
C PRO B 41 5.34 20.97 1.70
N ASP B 42 5.07 19.73 1.29
CA ASP B 42 5.26 18.57 2.16
C ASP B 42 6.04 17.47 1.45
N VAL B 43 6.24 16.35 2.14
CA VAL B 43 7.00 15.23 1.60
C VAL B 43 6.11 14.30 0.77
N CYS B 44 6.65 13.85 -0.36
CA CYS B 44 5.93 12.92 -1.23
C CYS B 44 6.91 11.99 -1.94
N GLU B 45 6.42 11.27 -2.94
CA GLU B 45 7.24 10.33 -3.69
C GLU B 45 8.50 10.98 -4.24
N THR B 46 8.41 12.27 -4.57
CA THR B 46 9.48 12.95 -5.29
C THR B 46 10.52 13.61 -4.39
N THR B 47 10.21 13.72 -3.09
CA THR B 47 11.11 14.39 -2.16
C THR B 47 12.37 13.57 -1.90
N THR B 48 13.53 14.19 -2.10
CA THR B 48 14.81 13.57 -1.80
C THR B 48 15.50 14.31 -0.66
N HIS B 49 15.29 15.63 -0.61
CA HIS B 49 15.93 16.47 0.39
C HIS B 49 14.91 17.08 1.36
N VAL B 50 15.24 17.04 2.64
CA VAL B 50 14.46 17.72 3.66
C VAL B 50 15.39 18.62 4.47
N LEU B 51 14.90 19.81 4.81
CA LEU B 51 15.69 20.77 5.58
C LEU B 51 14.95 21.21 6.83
N SER B 52 15.62 21.14 7.98
CA SER B 52 15.02 21.55 9.24
C SER B 52 15.76 22.77 9.79
N GLY B 53 15.08 23.91 9.82
CA GLY B 53 15.63 25.10 10.41
C GLY B 53 15.77 24.95 11.91
N LYS B 54 15.16 23.90 12.44
CA LYS B 54 15.28 23.60 13.86
C LYS B 54 14.93 22.13 14.09
N PRO B 55 15.91 21.35 14.55
CA PRO B 55 15.70 19.91 14.79
C PRO B 55 14.45 19.64 15.64
N LEU B 56 13.32 19.52 14.96
CA LEU B 56 12.05 19.23 15.61
C LEU B 56 11.34 18.11 14.87
N ARG B 57 10.69 17.22 15.61
CA ARG B 57 10.04 16.07 15.01
C ARG B 57 8.64 16.43 14.53
N THR B 58 8.56 16.96 13.31
CA THR B 58 7.28 17.33 12.71
C THR B 58 6.81 16.25 11.76
N LEU B 59 5.67 16.49 11.12
CA LEU B 59 5.10 15.57 10.15
C LEU B 59 6.13 15.25 9.06
N ASN B 60 6.77 16.29 8.53
CA ASN B 60 7.67 16.13 7.39
C ASN B 60 8.94 15.37 7.73
N VAL B 61 9.55 15.70 8.87
CA VAL B 61 10.75 15.00 9.31
C VAL B 61 10.47 13.51 9.43
N LEU B 62 9.31 13.16 10.00
CA LEU B 62 8.92 11.77 10.13
C LEU B 62 8.84 11.11 8.75
N LEU B 63 8.06 11.72 7.86
CA LEU B 63 7.83 11.17 6.53
C LEU B 63 9.13 11.04 5.75
N GLY B 64 10.13 11.83 6.11
CA GLY B 64 11.41 11.81 5.43
C GLY B 64 12.31 10.69 5.92
N ILE B 65 12.16 10.33 7.19
CA ILE B 65 12.93 9.22 7.76
C ILE B 65 12.46 7.91 7.15
N ALA B 66 11.14 7.76 7.03
CA ALA B 66 10.55 6.55 6.46
C ALA B 66 11.02 6.34 5.02
N ARG B 67 11.25 7.44 4.30
CA ARG B 67 11.62 7.38 2.89
C ARG B 67 13.13 7.30 2.69
N GLY B 68 13.88 7.71 3.71
CA GLY B 68 15.33 7.64 3.66
C GLY B 68 15.92 8.87 2.99
N CYS B 69 15.23 10.00 3.08
CA CYS B 69 15.69 11.24 2.48
C CYS B 69 16.90 11.79 3.23
N TRP B 70 17.59 12.74 2.60
CA TRP B 70 18.56 13.55 3.31
C TRP B 70 17.81 14.46 4.27
N VAL B 71 18.15 14.40 5.55
CA VAL B 71 17.56 15.28 6.54
C VAL B 71 18.65 16.21 7.04
N LEU B 72 18.56 17.48 6.67
CA LEU B 72 19.73 18.36 6.68
C LEU B 72 19.51 19.70 7.38
N SER B 73 20.62 20.36 7.68
CA SER B 73 20.61 21.68 8.29
C SER B 73 20.71 22.78 7.23
N TYR B 74 20.26 23.97 7.60
CA TYR B 74 20.26 25.14 6.72
C TYR B 74 21.63 25.43 6.13
N ASP B 75 22.67 24.85 6.71
CA ASP B 75 24.04 25.07 6.23
C ASP B 75 24.27 24.52 4.83
N TRP B 76 23.78 23.30 4.58
CA TRP B 76 23.95 22.67 3.28
C TRP B 76 23.57 23.65 2.17
N VAL B 77 22.59 24.49 2.44
CA VAL B 77 22.14 25.48 1.47
C VAL B 77 23.11 26.66 1.39
N LEU B 78 23.53 27.16 2.55
CA LEU B 78 24.43 28.31 2.60
C LEU B 78 25.74 28.03 1.84
N TRP B 79 26.38 26.91 2.16
CA TRP B 79 27.64 26.56 1.52
C TRP B 79 27.44 26.15 0.06
N SER B 80 26.31 25.53 -0.23
CA SER B 80 25.96 25.18 -1.61
C SER B 80 25.91 26.47 -2.45
N LEU B 81 25.60 27.58 -1.78
CA LEU B 81 25.51 28.87 -2.46
C LEU B 81 26.87 29.52 -2.60
N GLU B 82 27.64 29.51 -1.52
CA GLU B 82 28.99 30.10 -1.52
C GLU B 82 29.83 29.49 -2.63
N LEU B 83 29.61 28.21 -2.87
CA LEU B 83 30.41 27.47 -3.84
C LEU B 83 29.75 27.43 -5.22
N GLY B 84 28.48 27.82 -5.27
CA GLY B 84 27.77 27.97 -6.54
C GLY B 84 27.28 26.65 -7.12
N HIS B 85 27.12 25.65 -6.26
CA HIS B 85 26.56 24.36 -6.70
C HIS B 85 26.30 23.49 -5.49
N TRP B 86 25.39 22.52 -5.66
CA TRP B 86 25.00 21.65 -4.56
C TRP B 86 26.17 20.78 -4.09
N ILE B 87 26.56 20.97 -2.84
CA ILE B 87 27.70 20.28 -2.26
C ILE B 87 27.30 18.94 -1.67
N SER B 88 28.27 18.24 -1.10
CA SER B 88 28.03 16.95 -0.47
C SER B 88 27.02 17.09 0.66
N GLU B 89 26.16 16.10 0.82
CA GLU B 89 25.06 16.17 1.77
C GLU B 89 25.42 15.72 3.19
N GLU B 90 26.40 14.82 3.30
CA GLU B 90 26.61 14.09 4.56
C GLU B 90 27.14 14.93 5.73
N PRO B 91 27.95 15.96 5.46
CA PRO B 91 28.43 16.72 6.62
C PRO B 91 27.35 17.56 7.29
N PHE B 92 26.16 17.62 6.69
CA PHE B 92 25.08 18.44 7.21
C PHE B 92 23.86 17.60 7.61
N GLU B 93 24.11 16.32 7.84
CA GLU B 93 23.06 15.41 8.30
C GLU B 93 22.75 15.67 9.77
N LEU B 94 21.47 15.74 10.10
CA LEU B 94 21.07 15.95 11.48
C LEU B 94 20.99 14.62 12.22
N SER B 95 22.05 13.82 12.08
CA SER B 95 22.08 12.48 12.66
C SER B 95 22.21 12.54 14.18
N HIS B 96 22.62 13.69 14.69
CA HIS B 96 22.67 13.91 16.14
C HIS B 96 21.27 13.88 16.72
N HIS B 97 20.41 14.74 16.20
CA HIS B 97 19.04 14.85 16.68
C HIS B 97 18.19 13.68 16.20
N PHE B 98 18.52 13.14 15.03
CA PHE B 98 17.72 12.09 14.43
C PHE B 98 18.56 10.86 14.09
N PRO B 99 18.56 9.86 15.00
CA PRO B 99 19.38 8.66 14.86
C PRO B 99 19.03 7.81 13.65
N ALA B 100 17.73 7.64 13.41
CA ALA B 100 17.25 6.79 12.32
C ALA B 100 17.53 7.39 10.95
N ALA B 101 17.56 8.72 10.89
CA ALA B 101 17.75 9.42 9.61
C ALA B 101 18.91 8.84 8.79
N PRO B 102 20.13 8.87 9.35
CA PRO B 102 21.29 8.34 8.64
C PRO B 102 21.19 6.86 8.29
N LEU B 103 20.41 6.12 9.08
CA LEU B 103 20.30 4.67 8.89
C LEU B 103 19.41 4.31 7.71
N CYS B 104 18.40 5.15 7.45
CA CYS B 104 17.48 4.89 6.35
C CYS B 104 18.03 5.44 5.04
N ARG B 105 18.62 6.63 5.10
CA ARG B 105 19.21 7.26 3.92
C ARG B 105 20.25 6.33 3.32
N SER B 106 21.03 5.68 4.18
CA SER B 106 22.07 4.76 3.74
C SER B 106 21.45 3.54 3.05
N GLU B 107 20.62 2.81 3.79
CA GLU B 107 19.97 1.60 3.30
C GLU B 107 19.26 1.84 1.97
N CYS B 108 18.71 3.03 1.82
CA CYS B 108 17.88 3.36 0.66
C CYS B 108 18.70 3.63 -0.60
N HIS B 109 19.79 4.37 -0.46
CA HIS B 109 20.58 4.78 -1.61
C HIS B 109 21.49 3.64 -2.10
N LEU B 110 21.90 2.78 -1.19
CA LEU B 110 22.68 1.60 -1.57
C LEU B 110 21.76 0.55 -2.18
N SER B 111 20.48 0.61 -1.81
CA SER B 111 19.50 -0.38 -2.24
C SER B 111 19.57 -0.66 -3.74
N ALA B 112 19.60 -1.94 -4.09
CA ALA B 112 19.60 -2.35 -5.49
C ALA B 112 18.23 -2.08 -6.10
N GLY B 113 17.21 -2.76 -5.58
CA GLY B 113 15.85 -2.57 -6.02
C GLY B 113 15.18 -1.43 -5.29
N PRO B 114 13.84 -1.43 -5.23
CA PRO B 114 13.08 -0.40 -4.54
C PRO B 114 13.38 -0.37 -3.04
N TYR B 115 13.33 0.81 -2.43
CA TYR B 115 13.53 0.91 -0.98
C TYR B 115 12.21 0.92 -0.24
N ARG B 116 12.15 0.16 0.85
CA ARG B 116 10.97 0.12 1.71
C ARG B 116 11.35 -0.33 3.11
N GLY B 117 11.03 0.49 4.11
CA GLY B 117 11.39 0.21 5.49
C GLY B 117 11.09 -1.21 5.93
N THR B 118 12.03 -1.82 6.64
CA THR B 118 11.90 -3.21 7.07
C THR B 118 11.40 -3.27 8.51
N LEU B 119 11.16 -2.10 9.09
CA LEU B 119 10.88 -1.98 10.52
C LEU B 119 9.66 -2.78 10.98
N PHE B 120 8.53 -2.61 10.30
CA PHE B 120 7.28 -3.23 10.73
C PHE B 120 6.92 -4.47 9.92
N ALA B 121 7.90 -5.04 9.22
CA ALA B 121 7.63 -6.15 8.31
C ALA B 121 7.37 -7.46 9.06
N ASP B 122 7.60 -7.48 10.36
CA ASP B 122 7.36 -8.67 11.17
C ASP B 122 6.18 -8.47 12.13
N GLN B 123 5.58 -7.29 12.08
CA GLN B 123 4.43 -6.98 12.93
C GLN B 123 3.15 -7.50 12.30
N PRO B 124 2.15 -7.82 13.13
CA PRO B 124 0.84 -8.24 12.65
C PRO B 124 0.05 -7.07 12.09
N VAL B 125 -1.05 -7.35 11.39
CA VAL B 125 -1.89 -6.30 10.84
C VAL B 125 -2.30 -5.33 11.94
N MET B 126 -2.25 -4.04 11.64
CA MET B 126 -2.66 -3.01 12.58
C MET B 126 -3.92 -2.32 12.10
N PHE B 127 -4.72 -1.82 13.04
CA PHE B 127 -5.80 -0.91 12.70
C PHE B 127 -5.51 0.47 13.29
N VAL B 128 -5.72 1.50 12.47
CA VAL B 128 -5.42 2.87 12.86
C VAL B 128 -6.70 3.70 12.97
N SER B 129 -7.01 4.13 14.18
CA SER B 129 -8.21 4.91 14.45
C SER B 129 -8.27 6.17 13.58
N PRO B 130 -9.43 6.40 12.93
CA PRO B 130 -9.62 7.61 12.12
C PRO B 130 -9.66 8.89 12.95
N ALA B 131 -9.52 8.77 14.27
CA ALA B 131 -9.49 9.92 15.15
C ALA B 131 -8.10 10.08 15.75
N SER B 132 -7.09 9.63 15.02
CA SER B 132 -5.72 9.63 15.52
C SER B 132 -5.03 10.98 15.31
N SER B 133 -4.16 11.33 16.25
CA SER B 133 -3.28 12.49 16.11
C SER B 133 -1.84 12.00 16.16
N PRO B 134 -1.07 12.24 15.08
CA PRO B 134 -1.42 13.02 13.90
C PRO B 134 -2.49 12.36 13.02
N PRO B 135 -2.96 13.06 11.99
CA PRO B 135 -4.06 12.58 11.14
C PRO B 135 -3.88 11.13 10.68
N VAL B 136 -5.00 10.45 10.47
CA VAL B 136 -4.99 9.02 10.15
C VAL B 136 -4.19 8.68 8.88
N ALA B 137 -4.41 9.45 7.81
CA ALA B 137 -3.76 9.16 6.53
C ALA B 137 -2.24 9.15 6.69
N LYS B 138 -1.71 10.16 7.37
CA LYS B 138 -0.27 10.28 7.56
C LYS B 138 0.25 9.15 8.43
N LEU B 139 -0.52 8.79 9.46
CA LEU B 139 -0.13 7.73 10.37
C LEU B 139 -0.03 6.39 9.62
N CYS B 140 -0.96 6.17 8.70
CA CYS B 140 -0.95 4.97 7.88
C CYS B 140 0.24 4.98 6.92
N GLU B 141 0.35 6.05 6.15
CA GLU B 141 1.44 6.21 5.19
C GLU B 141 2.77 5.86 5.85
N LEU B 142 2.95 6.29 7.09
CA LEU B 142 4.16 6.01 7.85
C LEU B 142 4.37 4.51 8.00
N VAL B 143 3.31 3.82 8.41
CA VAL B 143 3.38 2.38 8.66
C VAL B 143 3.71 1.62 7.38
N HIS B 144 2.97 1.90 6.31
CA HIS B 144 3.21 1.25 5.02
CA HIS B 144 3.22 1.24 5.03
C HIS B 144 4.63 1.54 4.54
N LEU B 145 5.07 2.78 4.73
CA LEU B 145 6.41 3.19 4.30
C LEU B 145 7.49 2.43 5.05
N CYS B 146 7.15 1.92 6.23
CA CYS B 146 8.13 1.23 7.06
C CYS B 146 7.93 -0.29 7.03
N GLY B 147 7.08 -0.76 6.12
CA GLY B 147 6.90 -2.19 5.92
C GLY B 147 5.69 -2.75 6.63
N GLY B 148 5.05 -1.93 7.46
CA GLY B 148 3.88 -2.36 8.19
C GLY B 148 2.69 -2.63 7.29
N ARG B 149 1.58 -3.05 7.88
CA ARG B 149 0.34 -3.29 7.13
C ARG B 149 -0.86 -2.83 7.95
N VAL B 150 -1.68 -1.98 7.35
CA VAL B 150 -2.85 -1.46 8.07
C VAL B 150 -4.15 -1.94 7.43
N SER B 151 -5.17 -2.13 8.25
CA SER B 151 -6.45 -2.64 7.79
C SER B 151 -7.56 -1.62 8.00
N GLN B 152 -8.69 -1.82 7.31
CA GLN B 152 -9.84 -0.93 7.44
C GLN B 152 -10.75 -1.35 8.59
N VAL B 153 -10.54 -2.57 9.11
CA VAL B 153 -11.41 -3.09 10.15
C VAL B 153 -10.61 -3.66 11.32
N PRO B 154 -10.98 -3.28 12.55
CA PRO B 154 -10.38 -3.77 13.79
C PRO B 154 -10.50 -5.29 13.98
N ARG B 155 -11.39 -5.91 13.21
CA ARG B 155 -11.67 -7.34 13.36
C ARG B 155 -10.47 -8.20 12.98
N GLN B 156 -9.62 -7.70 12.09
CA GLN B 156 -8.49 -8.46 11.58
C GLN B 156 -7.17 -8.05 12.22
N ALA B 157 -7.10 -6.80 12.65
CA ALA B 157 -5.88 -6.29 13.29
C ALA B 157 -5.67 -6.93 14.66
N SER B 158 -4.41 -7.04 15.05
CA SER B 158 -4.05 -7.51 16.39
C SER B 158 -3.58 -6.34 17.24
N ILE B 159 -3.21 -5.25 16.58
CA ILE B 159 -2.79 -4.03 17.26
C ILE B 159 -3.65 -2.86 16.80
N VAL B 160 -4.17 -2.10 17.75
CA VAL B 160 -4.91 -0.88 17.43
C VAL B 160 -4.14 0.33 17.92
N ILE B 161 -4.01 1.33 17.05
CA ILE B 161 -3.30 2.56 17.39
C ILE B 161 -4.25 3.74 17.46
N GLY B 162 -3.96 4.68 18.35
CA GLY B 162 -4.80 5.86 18.52
C GLY B 162 -5.95 5.60 19.46
N PRO B 163 -6.98 6.45 19.43
CA PRO B 163 -8.12 6.37 20.33
C PRO B 163 -9.12 5.29 19.94
N TYR B 164 -9.77 4.70 20.94
CA TYR B 164 -10.75 3.63 20.74
C TYR B 164 -11.61 3.53 21.99
N SER B 165 -12.92 3.75 21.83
CA SER B 165 -13.82 3.82 22.98
C SER B 165 -14.73 2.60 23.11
N GLY B 166 -14.48 1.58 22.30
CA GLY B 166 -15.23 0.34 22.40
C GLY B 166 -14.55 -0.61 23.38
N LYS B 167 -15.34 -1.47 24.02
CA LYS B 167 -14.79 -2.44 24.95
C LYS B 167 -13.59 -3.15 24.34
N LYS B 168 -12.40 -2.78 24.81
CA LYS B 168 -11.17 -3.39 24.33
C LYS B 168 -11.20 -4.89 24.55
N LYS B 169 -10.70 -5.64 23.56
CA LYS B 169 -10.63 -7.10 23.67
C LYS B 169 -9.23 -7.49 24.15
N ALA B 170 -9.16 -8.53 24.98
CA ALA B 170 -7.87 -8.96 25.52
C ALA B 170 -7.03 -9.68 24.47
N THR B 171 -7.57 -9.80 23.27
CA THR B 171 -6.85 -10.39 22.15
C THR B 171 -6.00 -9.33 21.48
N VAL B 172 -6.43 -8.09 21.61
CA VAL B 172 -5.78 -6.97 20.96
C VAL B 172 -5.01 -6.12 21.96
N LYS B 173 -3.87 -5.59 21.52
CA LYS B 173 -3.12 -4.63 22.31
C LYS B 173 -3.45 -3.23 21.81
N TYR B 174 -3.96 -2.38 22.70
CA TYR B 174 -4.38 -1.04 22.32
C TYR B 174 -3.32 -0.01 22.67
N LEU B 175 -2.55 0.40 21.66
CA LEU B 175 -1.39 1.26 21.86
C LEU B 175 -1.67 2.69 21.41
N SER B 176 -0.72 3.58 21.68
CA SER B 176 -0.88 4.99 21.33
C SER B 176 -0.07 5.34 20.07
N GLU B 177 -0.35 6.51 19.50
CA GLU B 177 0.35 6.97 18.30
C GLU B 177 1.86 7.02 18.53
N LYS B 178 2.25 7.51 19.69
CA LYS B 178 3.66 7.71 20.01
C LYS B 178 4.47 6.44 19.75
N TRP B 179 3.85 5.29 19.97
CA TRP B 179 4.50 4.01 19.75
C TRP B 179 5.05 3.90 18.33
N VAL B 180 4.24 4.30 17.36
CA VAL B 180 4.66 4.26 15.96
C VAL B 180 5.77 5.28 15.70
N LEU B 181 5.63 6.46 16.29
CA LEU B 181 6.59 7.54 16.06
C LEU B 181 7.96 7.20 16.63
N ASP B 182 8.00 6.83 17.90
CA ASP B 182 9.25 6.55 18.58
C ASP B 182 9.98 5.37 17.95
N SER B 183 9.21 4.39 17.47
CA SER B 183 9.80 3.21 16.84
C SER B 183 10.50 3.60 15.55
N ILE B 184 9.89 4.52 14.81
CA ILE B 184 10.47 5.03 13.56
C ILE B 184 11.72 5.83 13.85
N THR B 185 11.65 6.69 14.85
CA THR B 185 12.78 7.55 15.22
C THR B 185 13.94 6.74 15.79
N GLN B 186 13.62 5.73 16.58
CA GLN B 186 14.64 4.88 17.20
C GLN B 186 15.06 3.73 16.28
N HIS B 187 14.40 3.63 15.13
CA HIS B 187 14.72 2.60 14.13
C HIS B 187 14.70 1.21 14.74
N LYS B 188 13.74 0.99 15.64
CA LYS B 188 13.55 -0.32 16.25
C LYS B 188 12.22 -0.35 16.99
N VAL B 189 11.58 -1.52 17.00
CA VAL B 189 10.25 -1.65 17.57
C VAL B 189 10.28 -1.57 19.09
N CYS B 190 9.63 -0.53 19.63
CA CYS B 190 9.53 -0.35 21.06
C CYS B 190 8.65 -1.43 21.67
N ALA B 191 8.67 -1.55 22.99
CA ALA B 191 7.82 -2.51 23.69
C ALA B 191 6.42 -1.92 23.87
N PRO B 192 5.42 -2.52 23.21
CA PRO B 192 4.04 -2.04 23.28
C PRO B 192 3.54 -1.89 24.72
N GLU B 193 4.16 -2.61 25.65
CA GLU B 193 3.79 -2.54 27.06
C GLU B 193 3.87 -1.13 27.63
N ASN B 194 4.62 -0.25 26.97
CA ASN B 194 4.81 1.11 27.47
C ASN B 194 4.08 2.16 26.64
N TYR B 195 3.05 1.73 25.93
CA TYR B 195 2.30 2.63 25.05
C TYR B 195 0.81 2.32 25.02
N LEU B 196 0.34 1.62 26.06
CA LEU B 196 -1.07 1.25 26.16
C LEU B 196 -1.93 2.48 26.37
N LEU B 197 -2.78 2.79 25.41
CA LEU B 197 -3.70 3.91 25.54
C LEU B 197 -4.90 3.48 26.39
N SER B 198 -4.98 4.03 27.59
CA SER B 198 -6.04 3.63 28.53
C SER B 198 -7.24 4.57 28.43
N SEP C 1 -6.18 -24.64 -11.28
CA SEP C 1 -6.96 -23.52 -10.84
CB SEP C 1 -6.05 -22.43 -10.42
OG SEP C 1 -5.68 -22.45 -9.09
C SEP C 1 -7.85 -23.09 -11.96
O SEP C 1 -7.37 -22.59 -13.01
P SEP C 1 -4.30 -21.90 -8.63
O1P SEP C 1 -3.92 -22.58 -7.34
O2P SEP C 1 -3.26 -22.21 -9.68
O3P SEP C 1 -4.40 -20.41 -8.43
H1 SEP C 1 -5.24 -24.66 -10.74
H2 SEP C 1 -6.72 -25.55 -11.11
HA SEP C 1 -7.57 -23.83 -10.01
HB2 SEP C 1 -6.53 -21.48 -10.62
HB3 SEP C 1 -5.15 -22.49 -11.01
N ASP C 2 -9.15 -23.27 -11.77
CA ASP C 2 -10.14 -22.97 -12.80
C ASP C 2 -10.07 -21.53 -13.29
N GLU C 3 -10.22 -21.35 -14.60
CA GLU C 3 -10.29 -20.03 -15.19
C GLU C 3 -11.72 -19.53 -15.13
N PHE C 4 -11.90 -18.21 -15.23
CA PHE C 4 -13.24 -17.62 -15.20
C PHE C 4 -13.29 -16.36 -16.05
N SEP D 1 4.44 24.36 12.35
CA SEP D 1 4.26 22.95 12.13
CB SEP D 1 5.27 22.46 11.15
OG SEP D 1 5.13 22.88 9.85
C SEP D 1 4.38 22.23 13.44
O SEP D 1 5.46 22.29 14.09
P SEP D 1 6.18 22.47 8.77
O1P SEP D 1 7.55 22.92 9.21
O2P SEP D 1 6.19 20.97 8.60
O3P SEP D 1 5.84 23.14 7.46
H1 SEP D 1 4.85 24.80 11.44
H2 SEP D 1 3.50 24.82 12.58
HA SEP D 1 3.27 22.78 11.73
HB2 SEP D 1 5.23 21.38 11.15
HB3 SEP D 1 6.24 22.76 11.50
N ASP D 2 3.31 21.55 13.83
CA ASP D 2 3.25 20.90 15.13
C ASP D 2 4.27 19.78 15.27
N GLU D 3 4.83 19.66 16.48
CA GLU D 3 5.71 18.56 16.81
C GLU D 3 4.83 17.39 17.26
N PHE D 4 5.39 16.19 17.23
CA PHE D 4 4.63 14.99 17.57
C PHE D 4 5.50 13.97 18.29
#